data_5LQ8
#
_entry.id   5LQ8
#
_cell.length_a   45.860
_cell.length_b   57.080
_cell.length_c   54.170
_cell.angle_alpha   90.00
_cell.angle_beta   106.56
_cell.angle_gamma   90.00
#
_symmetry.space_group_name_H-M   'P 1 21 1'
#
loop_
_entity.id
_entity.type
_entity.pdbx_description
1 polymer 'Putative phosphonate binding protein for ABC transporter'
2 non-polymer 'METHYLPHOSPHONIC ACID ESTER GROUP'
3 water water
#
_entity_poly.entity_id   1
_entity_poly.type   'polypeptide(L)'
_entity_poly.pdbx_seq_one_letter_code
;MNPKVLKVGAIPDQNQDVLDKRFNLFSKELSKQLDVEVKYIPVINYIAAVTGFRTKDLDLVWFGGLSGVQARLQTPNSIV
IAQRDIDKEFKSVFVVNKNLELNSISNIKGLKKLKNLRFTFGSENSTSGRLMPEYFLNQAGVEIKHFKGKKAGFSGSHDA
TIALVNSGAFDAGALNKQVWENNLKNNPKRTSNLELFWITPEYVDYHWVAQGDLENRFGEGFTKELKSVILNLDIKQKSH
KQILDMFNAKRFIKAESKQYKNIEEIGRKLNKIRLEHHHHHH
;
_entity_poly.pdbx_strand_id   A
#
# COMPACT_ATOMS: atom_id res chain seq x y z
N ASN A 2 3.21 -24.57 9.10
CA ASN A 2 4.45 -25.14 8.51
C ASN A 2 5.64 -24.26 8.90
N PRO A 3 6.36 -24.64 9.95
CA PRO A 3 7.42 -23.81 10.48
C PRO A 3 8.70 -23.73 9.67
N LYS A 4 8.96 -24.71 8.83
CA LYS A 4 10.16 -24.70 7.95
C LYS A 4 9.98 -23.88 6.68
N VAL A 5 8.76 -23.43 6.42
CA VAL A 5 8.45 -22.59 5.26
C VAL A 5 8.36 -21.10 5.66
N LEU A 6 9.14 -20.26 5.00
CA LEU A 6 9.03 -18.81 5.16
C LEU A 6 7.86 -18.34 4.31
N LYS A 7 6.86 -17.82 4.99
CA LYS A 7 5.61 -17.39 4.36
C LYS A 7 5.57 -15.88 4.11
N VAL A 8 5.47 -15.53 2.84
CA VAL A 8 5.43 -14.17 2.33
C VAL A 8 3.99 -13.76 2.13
N GLY A 9 3.63 -12.59 2.65
CA GLY A 9 2.30 -12.01 2.46
C GLY A 9 2.42 -10.57 1.98
N ALA A 10 1.28 -10.02 1.61
CA ALA A 10 1.20 -8.67 1.10
C ALA A 10 -0.23 -8.14 1.19
N ILE A 11 -0.38 -6.86 1.50
CA ILE A 11 -1.68 -6.24 1.40
C ILE A 11 -2.14 -6.30 -0.06
N PRO A 12 -3.43 -6.60 -0.27
CA PRO A 12 -3.92 -6.72 -1.66
C PRO A 12 -4.33 -5.36 -2.23
N ASP A 13 -3.31 -4.57 -2.55
CA ASP A 13 -3.48 -3.18 -2.96
C ASP A 13 -3.71 -2.96 -4.45
N GLN A 14 -3.54 -4.06 -5.18
CA GLN A 14 -3.62 -4.12 -6.63
C GLN A 14 -4.33 -5.42 -6.97
N ASN A 15 -4.70 -5.58 -8.23
CA ASN A 15 -5.29 -6.83 -8.70
C ASN A 15 -4.38 -8.02 -8.45
N GLN A 16 -5.02 -9.16 -8.19
CA GLN A 16 -4.33 -10.39 -7.80
C GLN A 16 -3.33 -10.89 -8.84
N ASP A 17 -3.63 -10.67 -10.12
CA ASP A 17 -2.67 -11.09 -11.18
C ASP A 17 -1.29 -10.42 -11.02
N VAL A 18 -1.32 -9.13 -10.68
CA VAL A 18 -0.11 -8.36 -10.44
C VAL A 18 0.59 -8.86 -9.16
N LEU A 19 -0.19 -9.10 -8.10
CA LEU A 19 0.38 -9.60 -6.84
C LEU A 19 1.05 -10.98 -6.96
N ASP A 20 0.33 -11.88 -7.63
CA ASP A 20 0.85 -13.21 -7.87
C ASP A 20 2.23 -13.16 -8.53
N LYS A 21 2.33 -12.41 -9.60
CA LYS A 21 3.56 -12.34 -10.39
C LYS A 21 4.68 -11.81 -9.51
N ARG A 22 4.42 -10.67 -8.87
CA ARG A 22 5.41 -9.97 -8.07
C ARG A 22 5.89 -10.84 -6.90
N PHE A 23 4.97 -11.37 -6.10
CA PHE A 23 5.35 -12.05 -4.86
C PHE A 23 5.86 -13.48 -5.08
N ASN A 24 5.39 -14.12 -6.14
CA ASN A 24 5.97 -15.41 -6.52
C ASN A 24 7.44 -15.27 -6.96
N LEU A 25 7.73 -14.24 -7.73
CA LEU A 25 9.12 -14.01 -8.21
C LEU A 25 10.04 -13.63 -7.05
N PHE A 26 9.51 -12.78 -6.20
CA PHE A 26 10.24 -12.36 -5.00
C PHE A 26 10.57 -13.57 -4.14
N SER A 27 9.55 -14.41 -3.91
CA SER A 27 9.70 -15.58 -3.05
C SER A 27 10.75 -16.55 -3.61
N LYS A 28 10.77 -16.70 -4.93
CA LYS A 28 11.75 -17.61 -5.56
C LYS A 28 13.18 -17.15 -5.39
N GLU A 29 13.39 -15.85 -5.52
CA GLU A 29 14.69 -15.27 -5.32
C GLU A 29 15.11 -15.40 -3.83
N LEU A 30 14.23 -15.05 -2.88
CA LEU A 30 14.55 -15.28 -1.44
C LEU A 30 14.92 -16.72 -1.16
N SER A 31 14.19 -17.63 -1.78
CA SER A 31 14.42 -19.03 -1.58
C SER A 31 15.83 -19.44 -2.01
N LYS A 32 16.24 -18.94 -3.18
CA LYS A 32 17.60 -19.23 -3.70
C LYS A 32 18.70 -18.66 -2.82
N GLN A 33 18.53 -17.43 -2.37
CA GLN A 33 19.52 -16.73 -1.56
C GLN A 33 19.58 -17.16 -0.09
N LEU A 34 18.45 -17.55 0.47
CA LEU A 34 18.36 -17.96 1.90
C LEU A 34 18.40 -19.47 2.08
N ASP A 35 18.28 -20.19 0.96
CA ASP A 35 18.33 -21.64 1.00
C ASP A 35 17.26 -22.19 1.96
N VAL A 36 16.07 -21.64 1.86
CA VAL A 36 14.90 -22.16 2.59
C VAL A 36 13.72 -22.09 1.61
N GLU A 37 12.70 -22.87 1.90
CA GLU A 37 11.43 -22.83 1.18
C GLU A 37 10.71 -21.55 1.56
N VAL A 38 10.23 -20.91 0.52
CA VAL A 38 9.53 -19.62 0.59
C VAL A 38 8.26 -19.71 -0.27
N LYS A 39 7.14 -19.37 0.32
CA LYS A 39 5.84 -19.40 -0.38
C LYS A 39 5.06 -18.09 -0.17
N TYR A 40 4.58 -17.51 -1.27
CA TYR A 40 3.63 -16.38 -1.24
C TYR A 40 2.23 -16.91 -0.93
N ILE A 41 1.60 -16.39 0.12
CA ILE A 41 0.26 -16.78 0.60
C ILE A 41 -0.70 -15.60 0.47
N PRO A 42 -1.55 -15.58 -0.56
CA PRO A 42 -2.45 -14.46 -0.76
C PRO A 42 -3.53 -14.36 0.33
N VAL A 43 -4.02 -13.15 0.53
CA VAL A 43 -5.13 -12.86 1.47
C VAL A 43 -6.25 -12.11 0.76
N ILE A 44 -7.43 -12.15 1.36
CA ILE A 44 -8.61 -11.50 0.72
C ILE A 44 -8.71 -9.99 0.87
N ASN A 45 -8.14 -9.44 1.94
CA ASN A 45 -8.25 -8.00 2.19
C ASN A 45 -7.12 -7.53 3.14
N TYR A 46 -7.06 -6.23 3.41
CA TYR A 46 -5.98 -5.69 4.23
C TYR A 46 -6.01 -6.20 5.65
N ILE A 47 -7.22 -6.32 6.22
CA ILE A 47 -7.39 -6.83 7.57
C ILE A 47 -6.80 -8.24 7.67
N ALA A 48 -7.04 -9.04 6.63
CA ALA A 48 -6.53 -10.38 6.60
C ALA A 48 -5.00 -10.49 6.60
N ALA A 49 -4.33 -9.50 6.00
CA ALA A 49 -2.88 -9.44 6.07
C ALA A 49 -2.41 -9.17 7.50
N VAL A 50 -3.08 -8.20 8.15
CA VAL A 50 -2.77 -7.85 9.53
C VAL A 50 -3.03 -9.09 10.42
N THR A 51 -4.21 -9.68 10.28
CA THR A 51 -4.58 -10.88 11.08
C THR A 51 -3.66 -12.09 10.84
N GLY A 52 -3.32 -12.35 9.57
CA GLY A 52 -2.38 -13.42 9.21
C GLY A 52 -1.04 -13.25 9.88
N PHE A 53 -0.63 -11.99 10.01
CA PHE A 53 0.65 -11.67 10.63
C PHE A 53 0.53 -11.88 12.13
N ARG A 54 -0.55 -11.38 12.73
CA ARG A 54 -0.82 -11.57 14.17
C ARG A 54 -0.81 -13.05 14.56
N THR A 55 -1.45 -13.89 13.77
CA THR A 55 -1.59 -15.32 14.08
C THR A 55 -0.40 -16.17 13.64
N LYS A 56 0.65 -15.47 13.23
CA LYS A 56 1.92 -16.04 12.77
C LYS A 56 1.74 -16.98 11.57
N ASP A 57 0.66 -16.81 10.82
CA ASP A 57 0.48 -17.49 9.52
C ASP A 57 1.20 -16.86 8.32
N LEU A 58 1.71 -15.65 8.51
CA LEU A 58 2.56 -14.93 7.55
C LEU A 58 3.80 -14.46 8.31
N ASP A 59 4.98 -14.64 7.69
CA ASP A 59 6.25 -14.35 8.37
C ASP A 59 6.90 -13.03 7.97
N LEU A 60 6.71 -12.66 6.71
CA LEU A 60 7.31 -11.50 6.05
C LEU A 60 6.29 -10.89 5.12
N VAL A 61 5.89 -9.64 5.38
CA VAL A 61 4.73 -9.07 4.71
C VAL A 61 5.02 -7.67 4.23
N TRP A 62 4.61 -7.41 2.99
CA TRP A 62 4.63 -6.09 2.34
C TRP A 62 3.35 -5.36 2.74
N PHE A 63 3.53 -4.44 3.68
CA PHE A 63 2.46 -3.71 4.32
C PHE A 63 2.42 -2.27 3.82
N GLY A 64 1.26 -1.65 3.93
CA GLY A 64 1.15 -0.21 3.85
C GLY A 64 1.52 0.41 5.17
N GLY A 65 1.57 1.74 5.19
CA GLY A 65 1.88 2.43 6.43
C GLY A 65 0.96 2.08 7.58
N LEU A 66 -0.33 2.30 7.36
CA LEU A 66 -1.35 2.06 8.37
C LEU A 66 -1.42 0.59 8.77
N SER A 67 -1.50 -0.27 7.78
CA SER A 67 -1.66 -1.69 8.09
C SER A 67 -0.39 -2.27 8.78
N GLY A 68 0.78 -1.78 8.41
CA GLY A 68 2.00 -2.15 9.04
C GLY A 68 2.06 -1.73 10.50
N VAL A 69 1.59 -0.51 10.74
CA VAL A 69 1.45 -0.02 12.14
C VAL A 69 0.50 -0.90 12.94
N GLN A 70 -0.66 -1.19 12.34
CA GLN A 70 -1.67 -2.09 12.98
C GLN A 70 -1.05 -3.41 13.31
N ALA A 71 -0.39 -3.98 12.31
CA ALA A 71 0.24 -5.29 12.46
C ALA A 71 1.24 -5.36 13.60
N ARG A 72 2.06 -4.36 13.64
CA ARG A 72 3.12 -4.25 14.64
C ARG A 72 2.64 -3.92 16.04
N LEU A 73 1.47 -3.26 16.17
CA LEU A 73 0.81 -3.08 17.44
C LEU A 73 0.19 -4.39 17.95
N GLN A 74 -0.34 -5.20 17.04
CA GLN A 74 -1.00 -6.46 17.42
C GLN A 74 0.03 -7.58 17.61
N THR A 75 1.22 -7.37 17.11
CA THR A 75 2.25 -8.40 17.03
C THR A 75 3.55 -7.79 17.56
N PRO A 76 3.69 -7.73 18.88
CA PRO A 76 4.84 -7.14 19.54
C PRO A 76 6.19 -7.75 19.10
N ASN A 77 7.18 -6.88 19.04
CA ASN A 77 8.56 -7.29 18.77
C ASN A 77 8.80 -7.78 17.34
N SER A 78 7.95 -7.35 16.44
CA SER A 78 8.14 -7.56 15.03
C SER A 78 9.13 -6.51 14.57
N ILE A 79 9.63 -6.73 13.37
CA ILE A 79 10.79 -5.99 12.81
C ILE A 79 10.43 -5.28 11.50
N VAL A 80 10.70 -3.99 11.45
CA VAL A 80 10.70 -3.23 10.18
C VAL A 80 11.99 -3.54 9.43
N ILE A 81 11.84 -3.98 8.19
CA ILE A 81 12.96 -4.48 7.38
C ILE A 81 13.44 -3.49 6.33
N ALA A 82 12.53 -3.02 5.48
CA ALA A 82 12.90 -2.21 4.30
C ALA A 82 11.69 -1.55 3.68
N GLN A 83 11.97 -0.59 2.82
CA GLN A 83 11.00 0.20 2.08
C GLN A 83 11.65 0.53 0.75
N ARG A 84 10.94 1.27 -0.10
CA ARG A 84 11.51 1.88 -1.31
C ARG A 84 11.82 3.36 -1.05
N ASP A 85 12.62 3.97 -1.91
CA ASP A 85 12.88 5.43 -1.79
C ASP A 85 11.60 6.25 -1.76
N ILE A 86 10.71 5.95 -2.69
CA ILE A 86 9.38 6.60 -2.80
C ILE A 86 8.49 6.50 -1.55
N ASP A 87 8.67 5.44 -0.77
CA ASP A 87 7.89 5.27 0.45
C ASP A 87 8.23 6.25 1.56
N LYS A 88 9.38 6.93 1.45
CA LYS A 88 9.69 8.03 2.34
C LYS A 88 8.96 9.33 2.00
N GLU A 89 8.53 9.45 0.74
CA GLU A 89 7.90 10.67 0.21
C GLU A 89 6.68 10.32 -0.65
N PHE A 90 5.81 9.50 -0.09
CA PHE A 90 4.69 8.94 -0.85
C PHE A 90 3.54 9.95 -0.96
N LYS A 91 2.77 9.85 -2.03
CA LYS A 91 1.64 10.73 -2.27
C LYS A 91 0.43 9.97 -2.76
N SER A 92 -0.74 10.56 -2.48
CA SER A 92 -1.97 10.15 -3.08
C SER A 92 -2.34 11.14 -4.18
N VAL A 93 -3.19 10.63 -5.03
CA VAL A 93 -3.98 11.43 -5.94
C VAL A 93 -5.48 11.27 -5.72
N PHE A 94 -6.17 12.40 -5.84
CA PHE A 94 -7.60 12.48 -6.07
C PHE A 94 -7.81 12.52 -7.58
N VAL A 95 -8.72 11.69 -8.05
CA VAL A 95 -9.11 11.60 -9.47
C VAL A 95 -10.62 11.82 -9.60
N VAL A 96 -11.02 12.35 -10.75
CA VAL A 96 -12.45 12.57 -11.06
C VAL A 96 -12.80 11.99 -12.41
N ASN A 97 -14.05 11.56 -12.54
CA ASN A 97 -14.61 11.14 -13.82
C ASN A 97 -14.76 12.41 -14.69
N LYS A 98 -14.31 12.30 -15.94
CA LYS A 98 -14.40 13.40 -16.92
C LYS A 98 -15.79 14.06 -17.08
N ASN A 99 -16.84 13.25 -16.97
CA ASN A 99 -18.25 13.69 -17.17
C ASN A 99 -18.70 14.82 -16.24
N LEU A 100 -17.98 14.98 -15.14
CA LEU A 100 -18.16 16.09 -14.22
C LEU A 100 -17.68 17.45 -14.73
N GLU A 101 -16.71 17.46 -15.64
CA GLU A 101 -16.02 18.69 -16.11
C GLU A 101 -15.47 19.56 -14.97
N LEU A 102 -15.09 18.91 -13.88
CA LEU A 102 -14.44 19.58 -12.79
C LEU A 102 -13.00 19.73 -13.19
N ASN A 103 -12.41 20.87 -12.85
CA ASN A 103 -11.00 21.07 -13.16
C ASN A 103 -10.16 20.89 -11.90
N SER A 104 -8.86 20.66 -12.09
CA SER A 104 -7.94 20.45 -10.95
C SER A 104 -7.80 21.66 -10.02
N ILE A 105 -7.30 21.39 -8.83
CA ILE A 105 -7.12 22.38 -7.76
C ILE A 105 -5.65 22.53 -7.37
N SER A 106 -5.37 23.59 -6.62
CA SER A 106 -4.01 24.00 -6.25
C SER A 106 -3.84 24.38 -4.77
N ASN A 107 -4.89 24.23 -3.99
CA ASN A 107 -4.80 24.45 -2.55
C ASN A 107 -5.73 23.42 -1.96
N ILE A 108 -5.27 22.79 -0.90
CA ILE A 108 -6.07 21.77 -0.17
C ILE A 108 -7.56 22.18 0.02
N LYS A 109 -7.84 23.47 0.13
CA LYS A 109 -9.21 23.96 0.40
C LYS A 109 -10.22 23.72 -0.76
N GLY A 110 -9.67 23.55 -1.96
CA GLY A 110 -10.39 23.16 -3.17
C GLY A 110 -11.01 21.76 -3.15
N LEU A 111 -10.63 20.95 -2.16
CA LEU A 111 -11.32 19.65 -1.95
C LEU A 111 -12.78 19.79 -1.56
N LYS A 112 -13.17 20.99 -1.08
CA LYS A 112 -14.58 21.39 -0.91
C LYS A 112 -15.46 21.13 -2.14
N LYS A 113 -14.87 21.19 -3.32
CA LYS A 113 -15.59 20.86 -4.58
C LYS A 113 -16.05 19.40 -4.73
N LEU A 114 -15.56 18.51 -3.85
CA LEU A 114 -15.98 17.10 -3.86
C LEU A 114 -17.20 16.85 -3.00
N LYS A 115 -17.62 17.88 -2.27
CA LYS A 115 -18.87 17.81 -1.50
C LYS A 115 -20.03 17.47 -2.46
N ASN A 116 -20.96 16.68 -1.92
CA ASN A 116 -22.18 16.20 -2.59
C ASN A 116 -21.87 15.39 -3.87
N LEU A 117 -20.67 14.83 -3.98
CA LEU A 117 -20.39 13.84 -5.02
C LEU A 117 -20.40 12.44 -4.45
N ARG A 118 -20.51 11.47 -5.34
CA ARG A 118 -20.32 10.06 -4.97
C ARG A 118 -18.80 9.79 -4.96
N PHE A 119 -18.27 9.52 -3.79
CA PHE A 119 -16.83 9.42 -3.55
C PHE A 119 -16.43 8.03 -3.04
N THR A 120 -15.37 7.46 -3.59
CA THR A 120 -14.82 6.19 -3.06
C THR A 120 -13.36 6.30 -2.66
N PHE A 121 -13.06 5.81 -1.45
CA PHE A 121 -11.70 5.54 -1.04
C PHE A 121 -11.31 4.11 -1.53
N GLY A 122 -10.09 3.73 -1.24
CA GLY A 122 -9.63 2.36 -1.35
C GLY A 122 -10.04 1.52 -0.15
N SER A 123 -9.17 0.60 0.25
CA SER A 123 -9.40 -0.13 1.46
C SER A 123 -9.67 0.81 2.62
N GLU A 124 -10.60 0.39 3.48
CA GLU A 124 -10.80 1.05 4.77
C GLU A 124 -9.48 1.26 5.54
N ASN A 125 -8.52 0.35 5.36
CA ASN A 125 -7.21 0.36 6.03
C ASN A 125 -6.03 0.80 5.19
N SER A 126 -6.33 1.43 4.07
CA SER A 126 -5.29 1.97 3.15
C SER A 126 -4.79 3.30 3.62
N THR A 127 -3.46 3.46 3.53
CA THR A 127 -2.80 4.72 3.85
C THR A 127 -3.04 5.76 2.74
N SER A 128 -2.66 5.36 1.53
CA SER A 128 -2.75 6.21 0.34
C SER A 128 -4.12 6.30 -0.30
N GLY A 129 -5.00 5.32 0.00
CA GLY A 129 -6.33 5.31 -0.54
C GLY A 129 -7.45 5.63 0.46
N ARG A 130 -7.11 5.81 1.72
CA ARG A 130 -8.12 6.16 2.74
C ARG A 130 -7.61 7.12 3.84
N LEU A 131 -6.58 6.72 4.54
CA LEU A 131 -6.22 7.45 5.75
C LEU A 131 -5.80 8.86 5.40
N MET A 132 -4.80 8.95 4.54
CA MET A 132 -4.26 10.24 4.19
C MET A 132 -5.29 11.08 3.40
N PRO A 133 -5.98 10.48 2.40
CA PRO A 133 -7.07 11.23 1.76
C PRO A 133 -8.12 11.81 2.70
N GLU A 134 -8.55 11.01 3.67
CA GLU A 134 -9.56 11.47 4.67
C GLU A 134 -8.98 12.60 5.56
N TYR A 135 -7.70 12.46 5.92
CA TYR A 135 -7.00 13.46 6.73
C TYR A 135 -7.02 14.79 6.03
N PHE A 136 -6.68 14.77 4.75
CA PHE A 136 -6.61 16.02 3.96
C PHE A 136 -8.00 16.56 3.65
N LEU A 137 -8.93 15.69 3.29
CA LEU A 137 -10.35 16.11 3.15
C LEU A 137 -10.80 16.87 4.40
N ASN A 138 -10.52 16.28 5.56
CA ASN A 138 -10.87 16.84 6.86
C ASN A 138 -10.22 18.19 7.07
N GLN A 139 -8.98 18.32 6.64
CA GLN A 139 -8.28 19.63 6.79
C GLN A 139 -9.03 20.73 6.03
N ALA A 140 -9.62 20.35 4.90
CA ALA A 140 -10.41 21.26 4.04
C ALA A 140 -11.89 21.43 4.43
N GLY A 141 -12.26 20.86 5.56
CA GLY A 141 -13.64 20.91 6.08
C GLY A 141 -14.58 19.93 5.41
N VAL A 142 -14.02 18.91 4.78
CA VAL A 142 -14.84 17.90 4.10
C VAL A 142 -14.82 16.64 4.94
N GLU A 143 -16.00 16.14 5.28
CA GLU A 143 -16.18 14.92 6.06
C GLU A 143 -16.94 13.95 5.18
N ILE A 144 -16.86 12.68 5.54
CA ILE A 144 -17.59 11.64 4.78
C ILE A 144 -19.10 11.92 4.66
N LYS A 145 -19.68 12.49 5.72
CA LYS A 145 -21.12 12.83 5.75
C LYS A 145 -21.54 13.83 4.64
N HIS A 146 -20.57 14.56 4.11
CA HIS A 146 -20.78 15.57 3.05
C HIS A 146 -20.87 14.99 1.63
N PHE A 147 -20.47 13.73 1.45
CA PHE A 147 -20.67 13.03 0.17
C PHE A 147 -22.12 12.61 -0.06
N LYS A 148 -22.42 12.35 -1.33
CA LYS A 148 -23.75 11.84 -1.73
C LYS A 148 -24.03 10.57 -0.92
N GLY A 149 -25.18 10.52 -0.29
CA GLY A 149 -25.56 9.38 0.58
C GLY A 149 -25.05 9.42 2.02
N LYS A 150 -24.31 10.48 2.38
CA LYS A 150 -23.67 10.65 3.71
C LYS A 150 -22.66 9.55 3.99
N LYS A 151 -22.10 8.95 2.94
CA LYS A 151 -21.18 7.84 3.13
C LYS A 151 -20.18 7.86 1.97
N ALA A 152 -19.12 7.12 2.12
CA ALA A 152 -18.15 6.96 1.06
C ALA A 152 -18.02 5.50 0.76
N GLY A 153 -17.66 5.21 -0.48
CA GLY A 153 -17.24 3.86 -0.82
C GLY A 153 -15.83 3.54 -0.29
N PHE A 154 -15.58 2.25 -0.18
CA PHE A 154 -14.28 1.66 0.17
C PHE A 154 -14.09 0.54 -0.84
N SER A 155 -13.25 0.76 -1.82
CA SER A 155 -13.12 -0.16 -2.97
C SER A 155 -12.27 -1.39 -2.66
N GLY A 156 -11.43 -1.26 -1.64
CA GLY A 156 -10.50 -2.31 -1.20
C GLY A 156 -9.12 -2.37 -1.88
N SER A 157 -8.93 -1.63 -2.96
CA SER A 157 -7.66 -1.67 -3.65
C SER A 157 -7.55 -0.45 -4.54
N HIS A 158 -6.30 -0.11 -4.89
CA HIS A 158 -6.09 1.04 -5.77
C HIS A 158 -6.55 0.81 -7.20
N ASP A 159 -6.36 -0.42 -7.67
CA ASP A 159 -6.90 -0.78 -9.00
C ASP A 159 -8.43 -0.70 -9.02
N ALA A 160 -9.05 -1.14 -7.92
CA ALA A 160 -10.52 -1.11 -7.81
C ALA A 160 -11.12 0.30 -7.75
N THR A 161 -10.38 1.21 -7.11
CA THR A 161 -10.78 2.61 -7.10
C THR A 161 -10.80 3.22 -8.51
N ILE A 162 -9.72 2.98 -9.22
CA ILE A 162 -9.63 3.47 -10.60
C ILE A 162 -10.82 2.94 -11.42
N ALA A 163 -11.06 1.65 -11.30
CA ALA A 163 -12.13 1.02 -12.09
C ALA A 163 -13.52 1.60 -11.77
N LEU A 164 -13.79 1.84 -10.48
CA LEU A 164 -15.06 2.41 -10.03
C LEU A 164 -15.29 3.85 -10.50
N VAL A 165 -14.25 4.67 -10.41
CA VAL A 165 -14.42 6.03 -10.83
C VAL A 165 -14.45 6.07 -12.38
N ASN A 166 -13.61 5.27 -13.02
CA ASN A 166 -13.56 5.24 -14.51
C ASN A 166 -14.88 4.78 -15.14
N SER A 167 -15.56 3.87 -14.48
CA SER A 167 -16.87 3.33 -14.97
C SER A 167 -18.05 4.28 -14.72
N GLY A 168 -17.87 5.22 -13.81
CA GLY A 168 -18.93 6.18 -13.42
C GLY A 168 -19.77 5.65 -12.27
N ALA A 169 -19.37 4.55 -11.63
CA ALA A 169 -20.07 4.05 -10.40
C ALA A 169 -19.88 5.06 -9.24
N PHE A 170 -18.73 5.74 -9.27
CA PHE A 170 -18.49 6.92 -8.41
C PHE A 170 -18.00 8.05 -9.27
N ASP A 171 -18.16 9.25 -8.76
CA ASP A 171 -17.70 10.48 -9.40
C ASP A 171 -16.23 10.79 -9.20
N ALA A 172 -15.68 10.35 -8.07
CA ALA A 172 -14.37 10.75 -7.64
C ALA A 172 -13.84 9.75 -6.71
N GLY A 173 -12.53 9.70 -6.61
CA GLY A 173 -11.85 8.82 -5.65
C GLY A 173 -10.43 9.21 -5.34
N ALA A 174 -9.81 8.51 -4.39
CA ALA A 174 -8.42 8.71 -4.07
C ALA A 174 -7.65 7.44 -4.04
N LEU A 175 -6.40 7.54 -4.47
CA LEU A 175 -5.51 6.38 -4.55
C LEU A 175 -4.01 6.69 -4.56
N ASN A 176 -3.24 5.63 -4.37
CA ASN A 176 -1.79 5.54 -4.53
C ASN A 176 -1.35 6.25 -5.85
N LYS A 177 -0.54 7.28 -5.73
CA LYS A 177 -0.09 8.09 -6.94
C LYS A 177 0.70 7.24 -7.92
N GLN A 178 1.58 6.40 -7.38
CA GLN A 178 2.39 5.46 -8.19
C GLN A 178 1.47 4.55 -9.04
N VAL A 179 0.48 3.94 -8.41
CA VAL A 179 -0.46 3.06 -9.10
C VAL A 179 -1.22 3.82 -10.22
N TRP A 180 -1.65 5.04 -9.91
CA TRP A 180 -2.30 5.92 -10.89
C TRP A 180 -1.39 6.15 -12.12
N GLU A 181 -0.20 6.70 -11.87
CA GLU A 181 0.78 7.02 -12.96
C GLU A 181 1.17 5.78 -13.76
N ASN A 182 1.34 4.70 -13.04
CA ASN A 182 1.46 3.33 -13.58
C ASN A 182 0.41 3.05 -14.67
N ASN A 183 -0.85 3.27 -14.32
CA ASN A 183 -1.99 2.96 -15.19
C ASN A 183 -2.16 3.98 -16.30
N LEU A 184 -1.98 5.26 -15.98
CA LEU A 184 -2.05 6.37 -16.96
C LEU A 184 -1.19 6.11 -18.19
N LYS A 185 0.07 5.80 -17.91
CA LYS A 185 1.06 5.55 -18.95
C LYS A 185 0.90 4.17 -19.59
N ASN A 186 0.91 3.14 -18.76
CA ASN A 186 0.95 1.75 -19.24
C ASN A 186 -0.36 1.20 -19.76
N ASN A 187 -1.40 1.24 -18.92
CA ASN A 187 -2.71 0.61 -19.24
C ASN A 187 -3.84 1.63 -19.35
N PRO A 188 -3.74 2.57 -20.32
CA PRO A 188 -4.61 3.75 -20.34
C PRO A 188 -6.11 3.50 -20.59
N LYS A 189 -6.50 2.29 -21.02
CA LYS A 189 -7.94 1.93 -21.16
C LYS A 189 -8.69 1.94 -19.82
N ARG A 190 -7.93 1.81 -18.76
CA ARG A 190 -8.50 1.80 -17.40
C ARG A 190 -8.76 3.19 -16.83
N THR A 191 -8.10 4.17 -17.44
CA THR A 191 -8.11 5.56 -17.00
C THR A 191 -8.74 6.52 -18.00
N SER A 192 -9.36 5.93 -19.04
CA SER A 192 -9.98 6.66 -20.18
C SER A 192 -10.83 7.83 -19.76
N ASN A 193 -11.65 7.61 -18.73
CA ASN A 193 -12.62 8.63 -18.27
C ASN A 193 -12.18 9.40 -17.07
N LEU A 194 -10.90 9.28 -16.70
CA LEU A 194 -10.35 9.94 -15.50
C LEU A 194 -9.39 11.07 -15.77
N GLU A 195 -9.55 12.14 -14.99
CA GLU A 195 -8.59 13.25 -14.89
C GLU A 195 -8.08 13.41 -13.44
N LEU A 196 -6.81 13.79 -13.35
CA LEU A 196 -6.18 14.20 -12.09
C LEU A 196 -6.84 15.42 -11.48
N PHE A 197 -7.26 15.28 -10.24
CA PHE A 197 -7.92 16.38 -9.53
C PHE A 197 -6.98 17.12 -8.57
N TRP A 198 -6.20 16.37 -7.79
CA TRP A 198 -5.28 16.99 -6.83
C TRP A 198 -4.22 15.98 -6.40
N ILE A 199 -3.03 16.52 -6.11
CA ILE A 199 -1.89 15.74 -5.60
C ILE A 199 -1.68 16.17 -4.15
N THR A 200 -1.61 15.16 -3.28
CA THR A 200 -1.44 15.43 -1.86
C THR A 200 0.00 15.79 -1.49
N PRO A 201 0.15 16.35 -0.28
CA PRO A 201 1.49 16.39 0.30
C PRO A 201 2.02 14.96 0.50
N GLU A 202 3.32 14.89 0.78
CA GLU A 202 4.02 13.62 1.09
C GLU A 202 3.80 13.05 2.51
N TYR A 203 3.89 11.72 2.60
CA TYR A 203 3.83 10.99 3.85
C TYR A 203 4.60 9.66 3.64
N VAL A 204 4.81 8.88 4.70
CA VAL A 204 5.50 7.58 4.59
C VAL A 204 4.47 6.49 4.29
N ASP A 205 4.87 5.47 3.56
CA ASP A 205 3.90 4.38 3.27
C ASP A 205 4.44 2.94 3.39
N TYR A 206 4.72 2.33 2.24
CA TYR A 206 4.94 0.87 2.22
C TYR A 206 6.21 0.46 2.96
N HIS A 207 6.15 -0.71 3.57
CA HIS A 207 7.29 -1.34 4.16
C HIS A 207 7.12 -2.81 4.41
N TRP A 208 8.24 -3.51 4.39
CA TRP A 208 8.33 -4.89 4.78
C TRP A 208 8.46 -5.03 6.27
N VAL A 209 7.70 -5.96 6.80
CA VAL A 209 7.71 -6.30 8.22
C VAL A 209 7.94 -7.80 8.38
N ALA A 210 8.86 -8.17 9.27
CA ALA A 210 9.17 -9.58 9.58
C ALA A 210 8.81 -9.92 11.01
N GLN A 211 8.43 -11.16 11.22
CA GLN A 211 8.19 -11.70 12.56
C GLN A 211 9.51 -11.56 13.32
N GLY A 212 9.40 -11.43 14.63
CA GLY A 212 10.57 -11.22 15.48
C GLY A 212 11.20 -12.49 16.02
N ASP A 213 10.57 -13.61 15.75
CA ASP A 213 11.02 -14.90 16.35
C ASP A 213 11.56 -15.89 15.31
N LEU A 214 12.11 -15.37 14.21
CA LEU A 214 12.47 -16.25 13.09
C LEU A 214 13.68 -17.14 13.37
N GLU A 215 14.61 -16.58 14.15
CA GLU A 215 15.85 -17.27 14.61
C GLU A 215 15.57 -18.67 15.17
N ASN A 216 14.48 -18.80 15.90
CA ASN A 216 14.07 -20.12 16.49
C ASN A 216 13.69 -21.18 15.46
N ARG A 217 13.27 -20.75 14.28
CA ARG A 217 12.90 -21.68 13.19
C ARG A 217 13.98 -21.84 12.15
N PHE A 218 14.69 -20.76 11.87
CA PHE A 218 15.64 -20.68 10.76
C PHE A 218 17.12 -20.59 11.16
N GLY A 219 17.37 -20.42 12.45
CA GLY A 219 18.75 -20.38 12.95
C GLY A 219 19.26 -18.97 13.23
N GLU A 220 20.36 -18.91 13.94
CA GLU A 220 20.97 -17.67 14.40
C GLU A 220 21.40 -16.85 13.20
N GLY A 221 21.03 -15.58 13.16
CA GLY A 221 21.45 -14.66 12.07
C GLY A 221 20.57 -14.65 10.84
N PHE A 222 19.52 -15.46 10.82
CA PHE A 222 18.57 -15.52 9.67
C PHE A 222 17.95 -14.17 9.33
N THR A 223 17.52 -13.46 10.36
CA THR A 223 16.87 -12.15 10.17
C THR A 223 17.79 -11.14 9.50
N LYS A 224 19.01 -11.03 9.99
CA LYS A 224 20.02 -10.16 9.36
C LYS A 224 20.25 -10.55 7.92
N GLU A 225 20.33 -11.86 7.67
CA GLU A 225 20.56 -12.40 6.33
C GLU A 225 19.37 -12.02 5.43
N LEU A 226 18.18 -12.22 5.97
CA LEU A 226 16.95 -11.89 5.22
C LEU A 226 16.89 -10.42 4.88
N LYS A 227 17.20 -9.62 5.89
CA LYS A 227 17.24 -8.16 5.70
C LYS A 227 18.25 -7.82 4.60
N SER A 228 19.40 -8.45 4.70
CA SER A 228 20.49 -8.25 3.71
C SER A 228 20.09 -8.62 2.26
N VAL A 229 19.41 -9.75 2.13
CA VAL A 229 18.91 -10.21 0.80
C VAL A 229 18.06 -9.12 0.14
N ILE A 230 17.11 -8.60 0.91
CA ILE A 230 16.17 -7.61 0.38
C ILE A 230 16.88 -6.30 0.03
N LEU A 231 17.69 -5.83 0.95
CA LEU A 231 18.44 -4.60 0.75
C LEU A 231 19.48 -4.70 -0.39
N ASN A 232 19.98 -5.92 -0.61
CA ASN A 232 21.02 -6.16 -1.65
C ASN A 232 20.50 -6.51 -3.04
N LEU A 233 19.19 -6.54 -3.23
CA LEU A 233 18.65 -6.70 -4.58
C LEU A 233 19.18 -5.59 -5.49
N ASP A 234 19.66 -5.99 -6.63
CA ASP A 234 20.57 -5.18 -7.47
C ASP A 234 19.97 -5.14 -8.87
N ILE A 235 19.59 -3.94 -9.30
CA ILE A 235 18.93 -3.74 -10.61
C ILE A 235 19.83 -4.15 -11.78
N LYS A 236 21.14 -4.20 -11.53
CA LYS A 236 22.17 -4.62 -12.56
C LYS A 236 22.11 -6.12 -12.89
N GLN A 237 21.51 -6.88 -11.98
CA GLN A 237 21.19 -8.30 -12.20
C GLN A 237 19.78 -8.51 -12.78
N LYS A 238 19.69 -9.47 -13.70
CA LYS A 238 18.48 -9.70 -14.55
C LYS A 238 17.27 -10.09 -13.72
N SER A 239 17.41 -11.17 -12.96
CA SER A 239 16.31 -11.69 -12.12
C SER A 239 15.92 -10.71 -11.03
N HIS A 240 16.90 -10.00 -10.50
CA HIS A 240 16.62 -8.95 -9.48
C HIS A 240 15.81 -7.82 -10.08
N LYS A 241 16.21 -7.40 -11.27
CA LYS A 241 15.53 -6.33 -12.00
C LYS A 241 14.06 -6.66 -12.30
N GLN A 242 13.77 -7.91 -12.66
CA GLN A 242 12.40 -8.38 -12.90
C GLN A 242 11.55 -8.09 -11.67
N ILE A 243 12.11 -8.44 -10.53
CA ILE A 243 11.42 -8.20 -9.20
C ILE A 243 11.25 -6.71 -8.92
N LEU A 244 12.37 -6.00 -8.92
CA LEU A 244 12.41 -4.55 -8.66
C LEU A 244 11.51 -3.73 -9.57
N ASP A 245 11.46 -4.07 -10.86
CA ASP A 245 10.52 -3.39 -11.77
C ASP A 245 9.05 -3.60 -11.34
N MET A 246 8.75 -4.79 -10.83
CA MET A 246 7.40 -5.08 -10.29
C MET A 246 7.01 -4.24 -9.09
N PHE A 247 8.02 -3.75 -8.35
CA PHE A 247 7.81 -2.84 -7.19
C PHE A 247 7.99 -1.37 -7.62
N ASN A 248 8.19 -1.17 -8.93
CA ASN A 248 8.40 0.18 -9.49
C ASN A 248 9.50 0.96 -8.77
N ALA A 249 10.61 0.26 -8.51
CA ALA A 249 11.74 0.82 -7.75
C ALA A 249 13.05 0.27 -8.24
N LYS A 250 14.07 1.10 -8.05
CA LYS A 250 15.47 0.75 -8.41
C LYS A 250 16.18 -0.10 -7.35
N ARG A 251 15.68 -0.02 -6.13
CA ARG A 251 16.28 -0.69 -4.99
C ARG A 251 15.28 -0.69 -3.83
N PHE A 252 15.59 -1.49 -2.83
CA PHE A 252 15.02 -1.32 -1.48
C PHE A 252 16.07 -0.65 -0.62
N ILE A 253 15.60 0.05 0.41
CA ILE A 253 16.41 0.76 1.38
C ILE A 253 15.94 0.47 2.78
N LYS A 254 16.79 0.81 3.74
CA LYS A 254 16.45 0.56 5.14
C LYS A 254 15.21 1.40 5.57
N ALA A 255 14.45 0.82 6.49
CA ALA A 255 13.31 1.47 7.13
C ALA A 255 13.29 1.15 8.60
N GLU A 256 12.78 2.07 9.41
CA GLU A 256 12.66 1.83 10.85
C GLU A 256 11.30 2.29 11.37
N SER A 257 10.93 1.73 12.52
CA SER A 257 9.63 1.93 13.18
C SER A 257 9.33 3.39 13.51
N LYS A 258 10.36 4.15 13.89
CA LYS A 258 10.18 5.57 14.27
C LYS A 258 9.59 6.43 13.15
N GLN A 259 9.85 6.02 11.92
CA GLN A 259 9.38 6.72 10.71
C GLN A 259 7.84 6.84 10.59
N TYR A 260 7.12 5.93 11.27
CA TYR A 260 5.67 5.78 11.12
C TYR A 260 4.87 6.49 12.19
N LYS A 261 5.54 7.32 13.02
CA LYS A 261 4.87 8.02 14.12
C LYS A 261 3.70 8.89 13.65
N ASN A 262 3.90 9.61 12.55
CA ASN A 262 2.85 10.48 11.96
C ASN A 262 1.65 9.67 11.44
N ILE A 263 1.92 8.55 10.79
CA ILE A 263 0.84 7.66 10.36
C ILE A 263 0.06 7.15 11.57
N GLU A 264 0.79 6.73 12.61
CA GLU A 264 0.14 6.19 13.82
C GLU A 264 -0.72 7.27 14.41
N GLU A 265 -0.19 8.47 14.54
CA GLU A 265 -0.98 9.61 15.15
C GLU A 265 -2.23 10.01 14.35
N ILE A 266 -2.10 10.04 13.04
CA ILE A 266 -3.25 10.28 12.18
C ILE A 266 -4.25 9.14 12.28
N GLY A 267 -3.76 7.92 12.29
CA GLY A 267 -4.61 6.75 12.54
C GLY A 267 -5.40 6.82 13.84
N ARG A 268 -4.73 7.26 14.91
CA ARG A 268 -5.49 7.45 16.18
C ARG A 268 -6.58 8.51 16.06
N LYS A 269 -6.23 9.64 15.47
CA LYS A 269 -7.16 10.75 15.33
C LYS A 269 -8.41 10.36 14.56
N LEU A 270 -8.20 9.52 13.56
CA LEU A 270 -9.31 9.07 12.70
C LEU A 270 -9.96 7.75 13.17
N ASN A 271 -9.58 7.31 14.36
CA ASN A 271 -10.12 6.10 14.99
C ASN A 271 -9.93 4.88 14.06
N LYS A 272 -8.75 4.80 13.48
CA LYS A 272 -8.41 3.76 12.52
C LYS A 272 -7.28 2.87 12.91
N ILE A 273 -6.86 2.95 14.17
CA ILE A 273 -5.91 1.96 14.68
C ILE A 273 -6.66 0.69 15.01
#